data_4R6W
#
_entry.id   4R6W
#
_cell.length_a   77.171
_cell.length_b   44.062
_cell.length_c   89.147
_cell.angle_alpha   90.00
_cell.angle_beta   108.09
_cell.angle_gamma   90.00
#
_symmetry.space_group_name_H-M   'P 1 2 1'
#
loop_
_entity.id
_entity.type
_entity.pdbx_description
1 polymer 'Phosphoethanolamine N-methyltransferase'
2 non-polymer PHOSPHOCHOLINE
3 non-polymer S-ADENOSYL-L-HOMOCYSTEINE
4 water water
#
_entity_poly.entity_id   1
_entity_poly.type   'polypeptide(L)'
_entity_poly.pdbx_seq_one_letter_code
;SDKTFLENNQYTDEGVKVYEFIFGENYISSGGLEATKKILSDIELNENSKVLDIGSGLGGGCMYINEKYGAHTHGIDICS
NIVNMANERVSGNNKIIFEANDILTKEFPENNFDLIYSRAAILHLSLENKNKLFQKCYKWLKPTGTLLITDYCATEKENW
DDEFKEYVKQRKYTLITVEEYADILTACNFKNVVSKDLSDYWNQLLEVEHKYLHENKEEFLKLFSEKKFISLDDGWSRKI
KDSKRKMQRWGYFKATKN
;
_entity_poly.pdbx_strand_id   A,B
#
loop_
_chem_comp.id
_chem_comp.type
_chem_comp.name
_chem_comp.formula
PC non-polymer PHOSPHOCHOLINE 'C5 H15 N O4 P 1'
#
# COMPACT_ATOMS: atom_id res chain seq x y z
N SER A 1 -19.04 6.73 -21.71
CA SER A 1 -17.65 7.03 -21.45
C SER A 1 -17.12 6.05 -20.41
N ASP A 2 -17.64 6.17 -19.19
CA ASP A 2 -17.44 5.15 -18.17
C ASP A 2 -17.97 3.83 -18.74
N LYS A 3 -19.19 3.94 -19.27
CA LYS A 3 -19.88 2.82 -19.90
C LYS A 3 -19.05 2.20 -21.02
N THR A 4 -18.57 3.03 -21.95
CA THR A 4 -17.79 2.54 -23.08
CA THR A 4 -17.81 2.51 -23.08
C THR A 4 -16.50 1.90 -22.60
N PHE A 5 -15.88 2.50 -21.60
CA PHE A 5 -14.63 1.97 -21.07
C PHE A 5 -14.83 0.54 -20.54
N LEU A 6 -15.91 0.35 -19.78
CA LEU A 6 -16.17 -0.96 -19.19
C LEU A 6 -16.60 -2.00 -20.24
N GLU A 7 -17.49 -1.60 -21.16
CA GLU A 7 -17.99 -2.51 -22.18
C GLU A 7 -16.91 -2.97 -23.15
N ASN A 8 -15.93 -2.11 -23.39
CA ASN A 8 -14.93 -2.38 -24.42
C ASN A 8 -13.65 -2.98 -23.87
N ASN A 9 -13.56 -3.13 -22.55
CA ASN A 9 -12.33 -3.63 -21.97
C ASN A 9 -12.59 -4.73 -20.93
N GLN A 10 -12.76 -4.36 -19.66
CA GLN A 10 -12.88 -5.37 -18.62
C GLN A 10 -14.12 -6.26 -18.79
N TYR A 11 -15.23 -5.68 -19.25
CA TYR A 11 -16.46 -6.45 -19.33
C TYR A 11 -16.95 -6.56 -20.77
N THR A 12 -16.02 -6.85 -21.69
CA THR A 12 -16.45 -7.37 -22.98
C THR A 12 -17.17 -8.70 -22.76
N ASP A 13 -17.95 -9.14 -23.74
CA ASP A 13 -18.61 -10.45 -23.62
C ASP A 13 -17.61 -11.55 -23.27
N GLU A 14 -16.51 -11.61 -24.01
CA GLU A 14 -15.51 -12.64 -23.78
C GLU A 14 -14.87 -12.50 -22.41
N GLY A 15 -14.59 -11.26 -22.01
CA GLY A 15 -14.07 -11.00 -20.67
C GLY A 15 -14.98 -11.49 -19.56
N VAL A 16 -16.27 -11.26 -19.70
CA VAL A 16 -17.20 -11.73 -18.69
C VAL A 16 -17.28 -13.26 -18.68
N LYS A 17 -17.21 -13.87 -19.84
CA LYS A 17 -17.30 -15.33 -19.91
C LYS A 17 -16.09 -15.99 -19.25
N VAL A 18 -14.92 -15.37 -19.40
CA VAL A 18 -13.71 -15.86 -18.74
C VAL A 18 -13.86 -15.76 -17.22
N TYR A 19 -14.31 -14.60 -16.75
CA TYR A 19 -14.59 -14.40 -15.32
C TYR A 19 -15.62 -15.42 -14.81
N GLU A 20 -16.67 -15.64 -15.58
CA GLU A 20 -17.72 -16.54 -15.14
C GLU A 20 -17.19 -17.97 -14.97
N PHE A 21 -16.22 -18.36 -15.80
CA PHE A 21 -15.65 -19.69 -15.71
C PHE A 21 -15.04 -19.94 -14.35
N ILE A 22 -14.36 -18.93 -13.82
CA ILE A 22 -13.65 -19.12 -12.56
C ILE A 22 -14.50 -18.74 -11.34
N PHE A 23 -15.42 -17.78 -11.49
CA PHE A 23 -16.26 -17.34 -10.36
C PHE A 23 -17.46 -18.28 -10.13
N GLY A 24 -18.02 -18.81 -11.20
CA GLY A 24 -19.18 -19.66 -11.09
C GLY A 24 -20.32 -19.14 -11.96
N GLU A 25 -21.16 -20.05 -12.44
CA GLU A 25 -22.30 -19.69 -13.30
C GLU A 25 -23.09 -18.52 -12.74
N ASN A 26 -23.27 -17.48 -13.57
CA ASN A 26 -24.06 -16.28 -13.27
C ASN A 26 -23.37 -15.28 -12.35
N TYR A 27 -22.08 -15.48 -12.07
CA TYR A 27 -21.35 -14.58 -11.18
C TYR A 27 -20.12 -13.97 -11.84
N ILE A 28 -19.79 -12.74 -11.42
CA ILE A 28 -18.56 -12.06 -11.85
C ILE A 28 -17.78 -11.57 -10.63
N SER A 29 -17.97 -12.23 -9.50
CA SER A 29 -17.18 -11.88 -8.31
C SER A 29 -16.97 -13.09 -7.41
N SER A 30 -16.01 -12.95 -6.50
CA SER A 30 -15.43 -14.14 -5.87
C SER A 30 -16.37 -14.87 -4.94
N GLY A 31 -16.23 -16.19 -4.95
CA GLY A 31 -17.03 -17.05 -4.11
C GLY A 31 -18.35 -17.47 -4.74
N GLY A 32 -18.77 -16.77 -5.79
CA GLY A 32 -19.98 -17.13 -6.51
C GLY A 32 -21.19 -17.32 -5.59
N LEU A 33 -21.93 -18.39 -5.81
CA LEU A 33 -23.12 -18.69 -5.04
C LEU A 33 -22.83 -18.94 -3.55
N GLU A 34 -21.76 -19.67 -3.27
CA GLU A 34 -21.49 -20.03 -1.87
C GLU A 34 -21.23 -18.80 -1.00
N ALA A 35 -20.49 -17.83 -1.53
CA ALA A 35 -20.25 -16.60 -0.77
C ALA A 35 -21.53 -15.78 -0.63
N THR A 36 -22.36 -15.79 -1.67
CA THR A 36 -23.61 -15.07 -1.64
C THR A 36 -24.52 -15.63 -0.54
N LYS A 37 -24.53 -16.95 -0.39
CA LYS A 37 -25.32 -17.55 0.68
C LYS A 37 -24.87 -17.07 2.06
N LYS A 38 -23.55 -16.98 2.23
CA LYS A 38 -22.99 -16.52 3.51
C LYS A 38 -23.31 -15.04 3.77
N ILE A 39 -23.13 -14.20 2.75
CA ILE A 39 -23.36 -12.77 2.86
C ILE A 39 -24.81 -12.46 3.22
N LEU A 40 -25.74 -13.28 2.74
CA LEU A 40 -27.16 -13.05 3.01
C LEU A 40 -27.72 -13.87 4.18
N SER A 41 -26.86 -14.57 4.91
CA SER A 41 -27.32 -15.54 5.89
C SER A 41 -28.10 -14.89 7.03
N ASP A 42 -27.83 -13.62 7.32
CA ASP A 42 -28.55 -12.96 8.43
C ASP A 42 -29.53 -11.88 7.96
N ILE A 43 -29.87 -11.92 6.67
CA ILE A 43 -30.81 -10.98 6.08
C ILE A 43 -32.22 -11.57 6.06
N GLU A 44 -33.20 -10.80 6.52
CA GLU A 44 -34.60 -11.25 6.51
C GLU A 44 -35.42 -10.46 5.49
N LEU A 45 -36.04 -11.18 4.57
CA LEU A 45 -36.88 -10.59 3.53
C LEU A 45 -38.02 -11.55 3.25
N ASN A 46 -39.01 -11.11 2.49
CA ASN A 46 -40.05 -12.03 2.06
C ASN A 46 -40.64 -11.60 0.74
N GLU A 47 -41.75 -12.21 0.37
CA GLU A 47 -42.34 -12.02 -0.95
C GLU A 47 -42.79 -10.58 -1.21
N ASN A 48 -42.98 -9.80 -0.13
CA ASN A 48 -43.40 -8.40 -0.27
C ASN A 48 -42.25 -7.41 -0.27
N SER A 49 -41.03 -7.90 -0.11
CA SER A 49 -39.85 -7.04 -0.07
C SER A 49 -39.45 -6.52 -1.45
N LYS A 50 -38.87 -5.32 -1.48
CA LYS A 50 -38.28 -4.75 -2.69
C LYS A 50 -36.78 -4.58 -2.53
N VAL A 51 -36.03 -5.13 -3.49
CA VAL A 51 -34.58 -5.16 -3.42
C VAL A 51 -33.98 -4.48 -4.64
N LEU A 52 -32.94 -3.68 -4.40
CA LEU A 52 -32.14 -3.08 -5.46
C LEU A 52 -30.77 -3.72 -5.44
N ASP A 53 -30.30 -4.19 -6.60
CA ASP A 53 -28.94 -4.72 -6.74
C ASP A 53 -28.14 -3.77 -7.63
N ILE A 54 -27.19 -3.07 -7.03
CA ILE A 54 -26.37 -2.11 -7.77
C ILE A 54 -25.17 -2.80 -8.40
N GLY A 55 -25.15 -2.82 -9.73
CA GLY A 55 -24.13 -3.54 -10.45
C GLY A 55 -24.45 -5.01 -10.52
N SER A 56 -25.62 -5.33 -11.06
CA SER A 56 -26.17 -6.69 -10.98
C SER A 56 -25.47 -7.76 -11.84
N GLY A 57 -24.64 -7.36 -12.79
CA GLY A 57 -23.85 -8.32 -13.57
C GLY A 57 -24.69 -9.34 -14.33
N LEU A 58 -24.30 -10.61 -14.21
CA LEU A 58 -25.01 -11.68 -14.90
C LEU A 58 -26.26 -12.11 -14.15
N GLY A 59 -26.51 -11.51 -12.99
CA GLY A 59 -27.77 -11.69 -12.30
C GLY A 59 -27.86 -12.75 -11.21
N GLY A 60 -26.77 -13.42 -10.92
CA GLY A 60 -26.77 -14.49 -9.93
C GLY A 60 -27.32 -14.07 -8.57
N GLY A 61 -26.91 -12.90 -8.08
CA GLY A 61 -27.39 -12.40 -6.81
C GLY A 61 -28.90 -12.19 -6.79
N CYS A 62 -29.42 -11.56 -7.83
CA CYS A 62 -30.87 -11.35 -7.95
C CYS A 62 -31.62 -12.68 -8.01
N MET A 63 -31.08 -13.63 -8.76
CA MET A 63 -31.69 -14.95 -8.90
C MET A 63 -31.79 -15.61 -7.53
N TYR A 64 -30.71 -15.55 -6.76
CA TYR A 64 -30.68 -16.16 -5.45
C TYR A 64 -31.62 -15.47 -4.47
N ILE A 65 -31.59 -14.15 -4.45
CA ILE A 65 -32.44 -13.38 -3.53
C ILE A 65 -33.90 -13.65 -3.82
N ASN A 66 -34.28 -13.69 -5.09
CA ASN A 66 -35.65 -14.01 -5.44
C ASN A 66 -35.99 -15.47 -5.09
N GLU A 67 -35.06 -16.38 -5.30
CA GLU A 67 -35.28 -17.79 -4.96
C GLU A 67 -35.45 -18.00 -3.46
N LYS A 68 -34.56 -17.39 -2.68
CA LYS A 68 -34.54 -17.61 -1.23
C LYS A 68 -35.72 -16.96 -0.52
N TYR A 69 -36.08 -15.75 -0.95
CA TYR A 69 -37.06 -14.95 -0.22
C TYR A 69 -38.35 -14.70 -0.97
N GLY A 70 -38.32 -14.82 -2.29
CA GLY A 70 -39.48 -14.49 -3.11
C GLY A 70 -39.61 -13.01 -3.37
N ALA A 71 -38.58 -12.25 -3.03
CA ALA A 71 -38.61 -10.79 -3.11
C ALA A 71 -38.59 -10.26 -4.54
N HIS A 72 -39.13 -9.06 -4.72
CA HIS A 72 -38.97 -8.31 -5.96
CA HIS A 72 -38.95 -8.38 -6.00
C HIS A 72 -37.54 -7.84 -6.07
N THR A 73 -36.82 -8.20 -7.13
CA THR A 73 -35.43 -7.76 -7.25
C THR A 73 -35.24 -6.95 -8.53
N HIS A 74 -34.62 -5.79 -8.39
CA HIS A 74 -34.37 -4.89 -9.51
C HIS A 74 -32.87 -4.67 -9.61
N GLY A 75 -32.27 -5.15 -10.69
CA GLY A 75 -30.83 -5.04 -10.86
C GLY A 75 -30.50 -3.94 -11.86
N ILE A 76 -29.53 -3.10 -11.52
CA ILE A 76 -29.08 -2.04 -12.41
C ILE A 76 -27.64 -2.31 -12.76
N ASP A 77 -27.33 -2.30 -14.06
CA ASP A 77 -25.93 -2.46 -14.48
C ASP A 77 -25.67 -1.53 -15.65
N ILE A 78 -24.49 -0.92 -15.69
CA ILE A 78 -24.21 0.08 -16.72
C ILE A 78 -23.85 -0.54 -18.08
N CYS A 79 -23.38 -1.78 -18.06
CA CYS A 79 -22.97 -2.44 -19.30
C CYS A 79 -24.12 -3.12 -20.00
N SER A 80 -24.51 -2.58 -21.15
CA SER A 80 -25.66 -3.08 -21.88
CA SER A 80 -25.69 -3.09 -21.86
C SER A 80 -25.50 -4.53 -22.32
N ASN A 81 -24.26 -4.89 -22.70
CA ASN A 81 -24.01 -6.26 -23.15
C ASN A 81 -24.18 -7.27 -22.01
N ILE A 82 -23.82 -6.87 -20.79
CA ILE A 82 -23.95 -7.73 -19.63
CA ILE A 82 -23.96 -7.77 -19.66
C ILE A 82 -25.42 -7.89 -19.25
N VAL A 83 -26.15 -6.79 -19.28
CA VAL A 83 -27.58 -6.83 -19.00
C VAL A 83 -28.27 -7.74 -20.01
N ASN A 84 -27.84 -7.69 -21.28
CA ASN A 84 -28.41 -8.58 -22.28
C ASN A 84 -28.16 -10.05 -21.92
N MET A 85 -26.95 -10.37 -21.45
CA MET A 85 -26.67 -11.74 -21.01
C MET A 85 -27.53 -12.13 -19.82
N ALA A 86 -27.70 -11.21 -18.87
CA ALA A 86 -28.48 -11.49 -17.68
C ALA A 86 -29.93 -11.80 -18.04
N ASN A 87 -30.48 -11.04 -18.99
CA ASN A 87 -31.87 -11.24 -19.37
C ASN A 87 -32.11 -12.57 -20.07
N GLU A 88 -31.07 -13.15 -20.63
CA GLU A 88 -31.20 -14.46 -21.28
C GLU A 88 -31.18 -15.62 -20.33
N ARG A 89 -30.86 -15.35 -19.09
CA ARG A 89 -30.73 -16.40 -18.09
C ARG A 89 -31.95 -16.53 -17.19
N VAL A 90 -32.90 -15.62 -17.36
CA VAL A 90 -34.12 -15.66 -16.56
C VAL A 90 -35.32 -15.56 -17.48
N SER A 91 -36.29 -16.44 -17.32
CA SER A 91 -37.54 -16.31 -18.08
C SER A 91 -38.74 -16.59 -17.20
N GLY A 92 -39.88 -16.03 -17.59
CA GLY A 92 -41.14 -16.26 -16.90
C GLY A 92 -41.23 -15.77 -15.46
N ASN A 93 -40.36 -14.83 -15.08
CA ASN A 93 -40.32 -14.36 -13.70
C ASN A 93 -40.48 -12.84 -13.62
N ASN A 94 -41.70 -12.37 -13.31
CA ASN A 94 -41.93 -10.93 -13.32
C ASN A 94 -41.44 -10.22 -12.06
N LYS A 95 -40.74 -10.95 -11.19
CA LYS A 95 -40.22 -10.32 -9.98
C LYS A 95 -38.71 -10.13 -10.06
N ILE A 96 -38.13 -10.46 -11.21
CA ILE A 96 -36.72 -10.15 -11.47
C ILE A 96 -36.64 -9.22 -12.68
N ILE A 97 -36.07 -8.03 -12.47
CA ILE A 97 -35.90 -7.04 -13.54
C ILE A 97 -34.41 -6.72 -13.63
N PHE A 98 -33.87 -6.73 -14.85
CA PHE A 98 -32.52 -6.25 -15.08
C PHE A 98 -32.58 -5.07 -16.03
N GLU A 99 -31.94 -3.97 -15.64
CA GLU A 99 -32.00 -2.74 -16.42
C GLU A 99 -30.61 -2.16 -16.66
N ALA A 100 -30.35 -1.78 -17.92
CA ALA A 100 -29.11 -1.13 -18.29
C ALA A 100 -29.19 0.37 -17.99
N ASN A 101 -28.38 0.82 -17.04
CA ASN A 101 -28.34 2.23 -16.65
C ASN A 101 -27.15 2.50 -15.75
N ASP A 102 -26.68 3.74 -15.78
CA ASP A 102 -25.71 4.24 -14.81
C ASP A 102 -26.46 4.48 -13.50
N ILE A 103 -26.00 3.86 -12.40
CA ILE A 103 -26.71 4.04 -11.13
C ILE A 103 -26.66 5.50 -10.67
N LEU A 104 -25.67 6.24 -11.14
CA LEU A 104 -25.50 7.63 -10.72
C LEU A 104 -26.56 8.56 -11.31
N THR A 105 -27.18 8.16 -12.41
CA THR A 105 -28.22 9.01 -13.02
C THR A 105 -29.61 8.39 -12.92
N LYS A 106 -29.68 7.17 -12.39
CA LYS A 106 -30.97 6.49 -12.25
C LYS A 106 -31.82 7.15 -11.16
N GLU A 107 -33.10 7.30 -11.43
CA GLU A 107 -34.05 7.82 -10.46
C GLU A 107 -34.90 6.74 -9.84
N PHE A 108 -35.00 6.78 -8.52
CA PHE A 108 -35.91 5.91 -7.78
C PHE A 108 -36.69 6.75 -6.78
N PRO A 109 -37.90 6.31 -6.41
CA PRO A 109 -38.64 7.02 -5.37
C PRO A 109 -37.93 6.96 -4.02
N GLU A 110 -38.07 8.02 -3.23
CA GLU A 110 -37.56 8.03 -1.86
C GLU A 110 -38.31 6.96 -1.07
N ASN A 111 -37.63 6.32 -0.11
CA ASN A 111 -38.27 5.33 0.78
C ASN A 111 -38.87 4.15 0.00
N ASN A 112 -38.10 3.60 -0.92
CA ASN A 112 -38.58 2.59 -1.85
C ASN A 112 -38.16 1.16 -1.52
N PHE A 113 -36.92 0.96 -1.08
CA PHE A 113 -36.35 -0.38 -0.99
C PHE A 113 -36.15 -0.91 0.43
N ASP A 114 -36.41 -2.21 0.61
CA ASP A 114 -36.12 -2.88 1.88
C ASP A 114 -34.65 -3.24 2.00
N LEU A 115 -34.02 -3.53 0.86
CA LEU A 115 -32.61 -3.86 0.83
C LEU A 115 -31.98 -3.24 -0.39
N ILE A 116 -30.84 -2.57 -0.19
CA ILE A 116 -29.98 -2.17 -1.31
C ILE A 116 -28.70 -2.98 -1.16
N TYR A 117 -28.37 -3.70 -2.22
CA TYR A 117 -27.37 -4.75 -2.21
C TYR A 117 -26.35 -4.45 -3.30
N SER A 118 -25.06 -4.60 -3.01
CA SER A 118 -24.07 -4.40 -4.07
C SER A 118 -22.86 -5.25 -3.79
N ARG A 119 -22.37 -5.95 -4.81
CA ARG A 119 -21.23 -6.85 -4.66
C ARG A 119 -20.22 -6.51 -5.74
N ALA A 120 -19.06 -6.00 -5.31
CA ALA A 120 -17.91 -5.78 -6.20
C ALA A 120 -18.21 -4.87 -7.37
N ALA A 121 -18.94 -3.78 -7.13
CA ALA A 121 -19.30 -2.85 -8.20
C ALA A 121 -18.86 -1.41 -7.95
N ILE A 122 -18.90 -1.00 -6.68
CA ILE A 122 -18.69 0.40 -6.33
C ILE A 122 -17.19 0.80 -6.45
N LEU A 123 -16.30 -0.18 -6.48
CA LEU A 123 -14.88 0.08 -6.80
C LEU A 123 -14.68 0.82 -8.15
N HIS A 124 -15.66 0.75 -9.05
CA HIS A 124 -15.55 1.42 -10.34
C HIS A 124 -15.81 2.93 -10.24
N LEU A 125 -16.43 3.35 -9.14
CA LEU A 125 -16.80 4.75 -8.95
CA LEU A 125 -16.80 4.74 -8.94
C LEU A 125 -15.68 5.58 -8.32
N SER A 126 -15.53 6.81 -8.81
CA SER A 126 -14.62 7.79 -8.23
C SER A 126 -15.03 8.07 -6.78
N LEU A 127 -14.12 8.62 -6.00
CA LEU A 127 -14.43 8.90 -4.60
C LEU A 127 -15.61 9.87 -4.48
N GLU A 128 -15.61 10.92 -5.30
CA GLU A 128 -16.73 11.87 -5.30
C GLU A 128 -18.04 11.15 -5.62
N ASN A 129 -18.00 10.19 -6.55
CA ASN A 129 -19.21 9.48 -6.91
C ASN A 129 -19.66 8.40 -5.93
N LYS A 130 -18.72 7.84 -5.17
CA LYS A 130 -19.09 6.95 -4.07
C LYS A 130 -19.94 7.70 -3.07
N ASN A 131 -19.49 8.90 -2.69
CA ASN A 131 -20.23 9.70 -1.72
CA ASN A 131 -20.22 9.74 -1.75
C ASN A 131 -21.61 10.08 -2.27
N LYS A 132 -21.66 10.46 -3.55
CA LYS A 132 -22.93 10.80 -4.17
CA LYS A 132 -22.92 10.80 -4.18
C LYS A 132 -23.88 9.60 -4.18
N LEU A 133 -23.34 8.43 -4.51
CA LEU A 133 -24.16 7.22 -4.56
C LEU A 133 -24.76 6.89 -3.18
N PHE A 134 -23.95 6.96 -2.13
CA PHE A 134 -24.47 6.55 -0.84
C PHE A 134 -25.48 7.56 -0.29
N GLN A 135 -25.38 8.83 -0.69
CA GLN A 135 -26.44 9.79 -0.39
C GLN A 135 -27.74 9.40 -1.08
N LYS A 136 -27.65 8.91 -2.31
CA LYS A 136 -28.84 8.47 -3.03
C LYS A 136 -29.42 7.23 -2.39
N CYS A 137 -28.54 6.31 -1.99
CA CYS A 137 -28.98 5.08 -1.34
C CYS A 137 -29.73 5.38 -0.05
N TYR A 138 -29.24 6.36 0.70
CA TYR A 138 -29.92 6.74 1.94
C TYR A 138 -31.37 7.18 1.66
N LYS A 139 -31.57 8.00 0.63
CA LYS A 139 -32.91 8.44 0.27
C LYS A 139 -33.80 7.28 -0.18
N TRP A 140 -33.21 6.40 -1.00
CA TRP A 140 -33.95 5.31 -1.63
C TRP A 140 -34.38 4.22 -0.67
N LEU A 141 -33.65 4.06 0.42
CA LEU A 141 -34.05 3.05 1.41
C LEU A 141 -35.34 3.43 2.13
N LYS A 142 -36.15 2.45 2.47
CA LYS A 142 -37.21 2.68 3.42
C LYS A 142 -36.64 2.93 4.78
N PRO A 143 -37.55 3.55 5.60
CA PRO A 143 -37.10 3.83 6.97
C PRO A 143 -36.55 2.58 7.67
N THR A 144 -37.15 1.43 7.37
CA THR A 144 -36.74 0.16 7.97
C THR A 144 -35.69 -0.60 7.14
N GLY A 145 -35.19 0.01 6.07
CA GLY A 145 -34.34 -0.67 5.11
C GLY A 145 -32.88 -0.85 5.51
N THR A 146 -32.21 -1.76 4.81
CA THR A 146 -30.82 -2.14 5.07
C THR A 146 -29.99 -1.94 3.82
N LEU A 147 -28.74 -1.48 4.00
CA LEU A 147 -27.72 -1.40 2.96
C LEU A 147 -26.71 -2.53 3.20
N LEU A 148 -26.38 -3.30 2.16
CA LEU A 148 -25.45 -4.44 2.31
C LEU A 148 -24.49 -4.43 1.13
N ILE A 149 -23.20 -4.27 1.41
CA ILE A 149 -22.20 -4.09 0.36
CA ILE A 149 -22.18 -4.08 0.37
C ILE A 149 -20.96 -4.95 0.58
N THR A 150 -20.44 -5.54 -0.50
CA THR A 150 -19.05 -5.99 -0.45
C THR A 150 -18.30 -5.27 -1.57
N ASP A 151 -17.02 -5.02 -1.38
CA ASP A 151 -16.28 -4.23 -2.35
C ASP A 151 -14.79 -4.45 -2.19
N TYR A 152 -14.05 -4.26 -3.28
CA TYR A 152 -12.60 -4.18 -3.21
C TYR A 152 -12.21 -2.94 -2.47
N CYS A 153 -11.29 -3.10 -1.51
CA CYS A 153 -10.70 -2.00 -0.78
C CYS A 153 -9.19 -2.18 -0.86
N ALA A 154 -8.44 -1.36 -0.12
CA ALA A 154 -6.99 -1.49 -0.15
C ALA A 154 -6.38 -0.84 1.08
N THR A 155 -5.09 -1.09 1.28
CA THR A 155 -4.34 -0.36 2.27
C THR A 155 -4.23 1.10 1.77
N GLU A 156 -3.71 1.99 2.61
CA GLU A 156 -3.54 3.38 2.18
C GLU A 156 -2.66 3.48 0.94
N LYS A 157 -3.00 4.41 0.04
CA LYS A 157 -2.39 4.53 -1.27
C LYS A 157 -0.86 4.71 -1.17
N GLU A 158 -0.43 5.42 -0.14
CA GLU A 158 0.98 5.64 0.14
C GLU A 158 1.77 4.33 0.25
N ASN A 159 1.09 3.22 0.56
CA ASN A 159 1.74 1.93 0.80
C ASN A 159 1.76 1.00 -0.40
N TRP A 160 1.15 1.41 -1.50
CA TRP A 160 1.02 0.54 -2.67
C TRP A 160 2.38 0.32 -3.32
N ASP A 161 2.59 -0.89 -3.85
CA ASP A 161 3.83 -1.11 -4.57
C ASP A 161 3.59 -0.93 -6.07
N ASP A 162 4.66 -1.00 -6.86
CA ASP A 162 4.62 -0.70 -8.28
C ASP A 162 3.59 -1.53 -9.01
N GLU A 163 3.57 -2.84 -8.73
CA GLU A 163 2.62 -3.72 -9.42
C GLU A 163 1.17 -3.41 -9.09
N PHE A 164 0.89 -3.11 -7.82
CA PHE A 164 -0.48 -2.82 -7.42
C PHE A 164 -0.93 -1.48 -7.97
N LYS A 165 -0.05 -0.47 -7.95
CA LYS A 165 -0.37 0.83 -8.51
C LYS A 165 -0.78 0.67 -9.96
N GLU A 166 -0.03 -0.16 -10.69
CA GLU A 166 -0.28 -0.34 -12.11
C GLU A 166 -1.60 -1.06 -12.35
N TYR A 167 -1.88 -2.08 -11.55
CA TYR A 167 -3.16 -2.78 -11.60
C TYR A 167 -4.33 -1.84 -11.37
N VAL A 168 -4.26 -1.04 -10.31
CA VAL A 168 -5.35 -0.12 -10.00
C VAL A 168 -5.51 0.92 -11.12
N LYS A 169 -4.40 1.43 -11.62
CA LYS A 169 -4.45 2.43 -12.69
C LYS A 169 -5.08 1.88 -13.96
N GLN A 170 -4.66 0.67 -14.37
CA GLN A 170 -5.17 0.12 -15.62
C GLN A 170 -6.65 -0.26 -15.52
N ARG A 171 -7.07 -0.73 -14.35
CA ARG A 171 -8.49 -1.06 -14.11
C ARG A 171 -9.36 0.18 -13.98
N LYS A 172 -8.73 1.31 -13.67
CA LYS A 172 -9.41 2.57 -13.35
C LYS A 172 -10.29 2.45 -12.10
N TYR A 173 -9.91 1.55 -11.19
CA TYR A 173 -10.57 1.47 -9.90
C TYR A 173 -10.26 2.68 -9.03
N THR A 174 -11.17 2.97 -8.10
CA THR A 174 -10.84 3.83 -6.99
C THR A 174 -10.95 2.99 -5.71
N LEU A 175 -9.80 2.62 -5.16
CA LEU A 175 -9.77 1.75 -3.99
C LEU A 175 -9.40 2.56 -2.75
N ILE A 176 -10.31 2.56 -1.78
CA ILE A 176 -10.06 3.26 -0.54
C ILE A 176 -9.95 2.24 0.59
N THR A 177 -9.60 2.71 1.79
CA THR A 177 -9.50 1.77 2.91
C THR A 177 -10.88 1.37 3.41
N VAL A 178 -10.94 0.24 4.10
CA VAL A 178 -12.19 -0.21 4.71
C VAL A 178 -12.69 0.87 5.66
N GLU A 179 -11.76 1.47 6.39
CA GLU A 179 -12.10 2.51 7.34
C GLU A 179 -12.66 3.78 6.68
N GLU A 180 -12.07 4.20 5.56
CA GLU A 180 -12.55 5.39 4.85
C GLU A 180 -13.96 5.14 4.32
N TYR A 181 -14.17 3.92 3.85
CA TYR A 181 -15.46 3.49 3.35
C TYR A 181 -16.56 3.59 4.43
N ALA A 182 -16.30 3.02 5.59
CA ALA A 182 -17.24 3.11 6.70
C ALA A 182 -17.52 4.56 7.08
N ASP A 183 -16.50 5.40 7.01
CA ASP A 183 -16.66 6.82 7.34
C ASP A 183 -17.60 7.52 6.38
N ILE A 184 -17.60 7.12 5.11
CA ILE A 184 -18.52 7.69 4.13
C ILE A 184 -19.96 7.35 4.53
N LEU A 185 -20.19 6.08 4.88
CA LEU A 185 -21.53 5.66 5.30
C LEU A 185 -21.97 6.45 6.54
N THR A 186 -21.07 6.61 7.50
CA THR A 186 -21.41 7.38 8.69
C THR A 186 -21.71 8.84 8.35
N ALA A 187 -20.91 9.42 7.46
CA ALA A 187 -21.13 10.79 7.04
C ALA A 187 -22.45 10.98 6.28
N CYS A 188 -22.96 9.91 5.69
CA CYS A 188 -24.26 9.94 5.01
C CYS A 188 -25.41 9.68 5.97
N ASN A 189 -25.09 9.60 7.26
CA ASN A 189 -26.03 9.40 8.36
C ASN A 189 -26.69 8.03 8.40
N PHE A 190 -26.05 7.03 7.80
CA PHE A 190 -26.49 5.65 8.03
C PHE A 190 -26.28 5.29 9.49
N LYS A 191 -27.15 4.42 9.99
CA LYS A 191 -27.10 3.96 11.37
C LYS A 191 -26.60 2.54 11.45
N ASN A 192 -26.14 2.15 12.63
CA ASN A 192 -25.67 0.80 12.88
C ASN A 192 -24.66 0.33 11.84
N VAL A 193 -23.73 1.22 11.49
CA VAL A 193 -22.75 0.90 10.45
C VAL A 193 -21.79 -0.17 10.96
N VAL A 194 -21.76 -1.30 10.27
CA VAL A 194 -20.82 -2.37 10.62
C VAL A 194 -19.91 -2.57 9.43
N SER A 195 -18.59 -2.53 9.66
CA SER A 195 -17.67 -2.83 8.59
C SER A 195 -16.80 -3.99 9.03
N LYS A 196 -16.47 -4.86 8.08
CA LYS A 196 -15.62 -6.01 8.35
C LYS A 196 -14.52 -6.10 7.30
N ASP A 197 -13.28 -6.24 7.73
CA ASP A 197 -12.23 -6.56 6.78
C ASP A 197 -12.19 -8.07 6.61
N LEU A 198 -12.73 -8.54 5.50
CA LEU A 198 -12.83 -9.97 5.24
C LEU A 198 -11.77 -10.45 4.25
N SER A 199 -10.61 -9.82 4.27
CA SER A 199 -9.55 -10.21 3.34
C SER A 199 -9.06 -11.66 3.51
N ASP A 200 -9.11 -12.19 4.73
CA ASP A 200 -8.68 -13.56 4.98
C ASP A 200 -9.65 -14.55 4.35
N TYR A 201 -10.95 -14.26 4.51
CA TYR A 201 -11.98 -15.04 3.88
C TYR A 201 -11.85 -14.98 2.36
N TRP A 202 -11.62 -13.78 1.85
CA TRP A 202 -11.47 -13.57 0.41
C TRP A 202 -10.27 -14.38 -0.10
N ASN A 203 -9.18 -14.35 0.66
CA ASN A 203 -7.99 -15.15 0.32
C ASN A 203 -8.35 -16.62 0.16
N GLN A 204 -9.16 -17.15 1.08
CA GLN A 204 -9.63 -18.54 1.00
C GLN A 204 -10.43 -18.78 -0.28
N LEU A 205 -11.31 -17.84 -0.62
CA LEU A 205 -12.12 -17.96 -1.84
C LEU A 205 -11.23 -17.97 -3.08
N LEU A 206 -10.28 -17.06 -3.12
CA LEU A 206 -9.34 -16.97 -4.23
C LEU A 206 -8.53 -18.25 -4.41
N GLU A 207 -8.13 -18.88 -3.31
CA GLU A 207 -7.34 -20.12 -3.39
C GLU A 207 -8.18 -21.25 -3.99
N VAL A 208 -9.44 -21.34 -3.58
CA VAL A 208 -10.32 -22.38 -4.13
C VAL A 208 -10.47 -22.16 -5.63
N GLU A 209 -10.69 -20.91 -6.02
CA GLU A 209 -10.83 -20.56 -7.44
C GLU A 209 -9.57 -20.87 -8.24
N HIS A 210 -8.41 -20.53 -7.69
CA HIS A 210 -7.14 -20.79 -8.34
C HIS A 210 -6.92 -22.29 -8.57
N LYS A 211 -7.26 -23.08 -7.57
CA LYS A 211 -7.12 -24.53 -7.64
C LYS A 211 -8.05 -25.07 -8.73
N TYR A 212 -9.26 -24.53 -8.78
CA TYR A 212 -10.23 -24.93 -9.80
C TYR A 212 -9.71 -24.66 -11.19
N LEU A 213 -9.15 -23.47 -11.38
CA LEU A 213 -8.60 -23.09 -12.68
C LEU A 213 -7.53 -24.08 -13.14
N HIS A 214 -6.60 -24.43 -12.25
CA HIS A 214 -5.52 -25.32 -12.60
C HIS A 214 -6.02 -26.72 -12.91
N GLU A 215 -7.01 -27.18 -12.14
CA GLU A 215 -7.50 -28.54 -12.29
C GLU A 215 -8.41 -28.69 -13.50
N ASN A 216 -8.85 -27.55 -14.05
CA ASN A 216 -9.72 -27.57 -15.22
C ASN A 216 -9.12 -26.81 -16.40
N LYS A 217 -7.80 -26.85 -16.50
CA LYS A 217 -7.10 -26.12 -17.54
C LYS A 217 -7.45 -26.60 -18.94
N GLU A 218 -7.57 -27.92 -19.11
CA GLU A 218 -7.90 -28.48 -20.40
C GLU A 218 -9.26 -27.97 -20.88
N GLU A 219 -10.23 -27.94 -19.98
CA GLU A 219 -11.56 -27.41 -20.30
C GLU A 219 -11.47 -25.93 -20.63
N PHE A 220 -10.66 -25.18 -19.87
CA PHE A 220 -10.55 -23.76 -20.10
C PHE A 220 -9.99 -23.49 -21.49
N LEU A 221 -8.95 -24.22 -21.87
CA LEU A 221 -8.28 -24.00 -23.17
C LEU A 221 -9.17 -24.35 -24.36
N LYS A 222 -10.10 -25.27 -24.17
CA LYS A 222 -11.10 -25.58 -25.20
C LYS A 222 -12.01 -24.38 -25.46
N LEU A 223 -12.27 -23.62 -24.41
CA LEU A 223 -13.21 -22.50 -24.47
C LEU A 223 -12.54 -21.20 -24.86
N PHE A 224 -11.30 -21.03 -24.43
CA PHE A 224 -10.67 -19.73 -24.58
C PHE A 224 -9.31 -19.84 -25.28
N SER A 225 -8.26 -19.34 -24.66
CA SER A 225 -6.92 -19.36 -25.25
C SER A 225 -5.92 -19.47 -24.12
N GLU A 226 -4.69 -19.88 -24.42
CA GLU A 226 -3.67 -19.89 -23.38
C GLU A 226 -3.36 -18.47 -22.91
N LYS A 227 -3.40 -17.49 -23.81
CA LYS A 227 -3.20 -16.11 -23.41
C LYS A 227 -4.16 -15.69 -22.28
N LYS A 228 -5.44 -16.01 -22.42
CA LYS A 228 -6.42 -15.67 -21.40
C LYS A 228 -6.22 -16.49 -20.13
N PHE A 229 -5.77 -17.73 -20.28
CA PHE A 229 -5.46 -18.56 -19.11
C PHE A 229 -4.36 -17.91 -18.29
N ILE A 230 -3.28 -17.52 -18.96
CA ILE A 230 -2.15 -16.91 -18.28
C ILE A 230 -2.54 -15.62 -17.55
N SER A 231 -3.35 -14.78 -18.20
CA SER A 231 -3.84 -13.55 -17.57
C SER A 231 -4.66 -13.81 -16.30
N LEU A 232 -5.54 -14.81 -16.36
CA LEU A 232 -6.35 -15.18 -15.21
C LEU A 232 -5.47 -15.76 -14.09
N ASP A 233 -4.61 -16.70 -14.47
CA ASP A 233 -3.72 -17.39 -13.54
C ASP A 233 -2.82 -16.39 -12.80
N ASP A 234 -2.19 -15.51 -13.55
CA ASP A 234 -1.32 -14.50 -12.94
C ASP A 234 -2.12 -13.48 -12.14
N GLY A 235 -3.32 -13.17 -12.62
CA GLY A 235 -4.19 -12.24 -11.90
C GLY A 235 -4.56 -12.76 -10.52
N TRP A 236 -4.95 -14.03 -10.46
CA TRP A 236 -5.34 -14.64 -9.20
C TRP A 236 -4.13 -14.83 -8.28
N SER A 237 -2.98 -15.18 -8.84
CA SER A 237 -1.76 -15.30 -8.04
C SER A 237 -1.46 -13.98 -7.32
N ARG A 238 -1.58 -12.87 -8.03
CA ARG A 238 -1.30 -11.58 -7.41
C ARG A 238 -2.32 -11.26 -6.33
N LYS A 239 -3.60 -11.51 -6.61
CA LYS A 239 -4.64 -11.23 -5.62
C LYS A 239 -4.46 -12.09 -4.37
N ILE A 240 -4.03 -13.34 -4.53
CA ILE A 240 -3.77 -14.20 -3.38
C ILE A 240 -2.61 -13.61 -2.54
N LYS A 241 -1.55 -13.20 -3.20
CA LYS A 241 -0.43 -12.59 -2.51
C LYS A 241 -0.81 -11.28 -1.84
N ASP A 242 -1.58 -10.44 -2.53
CA ASP A 242 -1.84 -9.12 -2.01
C ASP A 242 -2.96 -9.11 -0.95
N SER A 243 -3.87 -10.09 -1.00
CA SER A 243 -4.87 -10.23 0.06
C SER A 243 -4.23 -10.78 1.34
N LYS A 244 -3.24 -11.66 1.20
CA LYS A 244 -2.58 -12.24 2.36
C LYS A 244 -1.90 -11.14 3.18
N ARG A 245 -1.29 -10.18 2.51
CA ARG A 245 -0.61 -9.09 3.21
C ARG A 245 -1.49 -7.83 3.33
N LYS A 246 -2.76 -7.96 2.99
CA LYS A 246 -3.73 -6.87 3.12
C LYS A 246 -3.37 -5.61 2.32
N MET A 247 -2.65 -5.78 1.21
CA MET A 247 -2.47 -4.63 0.33
CA MET A 247 -2.44 -4.69 0.26
C MET A 247 -3.75 -4.40 -0.47
N GLN A 248 -4.31 -5.47 -1.00
CA GLN A 248 -5.64 -5.43 -1.58
C GLN A 248 -6.57 -6.09 -0.56
N ARG A 249 -7.68 -5.43 -0.25
CA ARG A 249 -8.57 -5.90 0.80
C ARG A 249 -9.97 -6.16 0.30
N TRP A 250 -10.74 -6.93 1.05
CA TRP A 250 -12.12 -7.25 0.70
C TRP A 250 -13.00 -6.75 1.84
N GLY A 251 -13.81 -5.73 1.57
CA GLY A 251 -14.58 -5.09 2.64
C GLY A 251 -16.04 -5.50 2.59
N TYR A 252 -16.62 -5.68 3.78
CA TYR A 252 -18.04 -5.94 3.97
C TYR A 252 -18.65 -4.79 4.76
N PHE A 253 -19.81 -4.30 4.33
CA PHE A 253 -20.47 -3.20 5.02
C PHE A 253 -21.94 -3.48 5.13
N LYS A 254 -22.50 -3.27 6.31
CA LYS A 254 -23.95 -3.35 6.50
C LYS A 254 -24.39 -2.12 7.30
N ALA A 255 -25.51 -1.51 6.93
CA ALA A 255 -26.00 -0.39 7.70
C ALA A 255 -27.51 -0.27 7.53
N THR A 256 -28.13 0.59 8.32
CA THR A 256 -29.56 0.82 8.22
C THR A 256 -29.87 2.31 8.11
N LYS A 257 -31.07 2.62 7.62
CA LYS A 257 -31.46 4.02 7.49
C LYS A 257 -31.78 4.62 8.85
N ASN A 258 -32.39 3.83 9.71
CA ASN A 258 -32.72 4.26 11.07
C ASN A 258 -32.37 3.21 12.14
N SER B 1 38.20 -2.38 6.71
CA SER B 1 38.17 -2.79 5.30
C SER B 1 37.02 -2.10 4.58
N ASP B 2 35.80 -2.54 4.86
CA ASP B 2 34.62 -1.75 4.51
C ASP B 2 34.66 -0.49 5.37
N LYS B 3 35.07 -0.68 6.61
CA LYS B 3 35.33 0.43 7.52
C LYS B 3 36.35 1.39 6.89
N THR B 4 37.48 0.86 6.41
CA THR B 4 38.51 1.69 5.80
C THR B 4 38.00 2.42 4.57
N PHE B 5 37.24 1.71 3.74
CA PHE B 5 36.65 2.33 2.56
C PHE B 5 35.79 3.55 2.90
N LEU B 6 34.91 3.39 3.87
CA LEU B 6 34.00 4.49 4.22
C LEU B 6 34.74 5.65 4.90
N GLU B 7 35.64 5.33 5.81
CA GLU B 7 36.38 6.35 6.56
C GLU B 7 37.28 7.18 5.66
N ASN B 8 37.77 6.58 4.59
CA ASN B 8 38.78 7.24 3.77
C ASN B 8 38.24 7.89 2.53
N ASN B 9 36.93 7.76 2.31
CA ASN B 9 36.33 8.26 1.09
C ASN B 9 35.07 9.04 1.41
N GLN B 10 33.91 8.40 1.34
CA GLN B 10 32.65 9.13 1.51
C GLN B 10 32.50 9.80 2.87
N TYR B 11 32.99 9.15 3.92
CA TYR B 11 32.80 9.71 5.25
C TYR B 11 34.11 10.10 5.92
N THR B 12 35.00 10.75 5.18
CA THR B 12 36.08 11.49 5.81
C THR B 12 35.47 12.59 6.68
N ASP B 13 36.25 13.15 7.61
CA ASP B 13 35.75 14.24 8.44
C ASP B 13 35.23 15.40 7.58
N GLU B 14 36.00 15.82 6.58
CA GLU B 14 35.56 16.93 5.73
C GLU B 14 34.34 16.53 4.92
N GLY B 15 34.31 15.29 4.44
CA GLY B 15 33.15 14.83 3.69
C GLY B 15 31.87 14.92 4.49
N VAL B 16 31.96 14.52 5.75
CA VAL B 16 30.80 14.57 6.64
C VAL B 16 30.39 16.03 6.93
N LYS B 17 31.38 16.90 7.11
CA LYS B 17 31.07 18.30 7.41
C LYS B 17 30.36 18.98 6.22
N VAL B 18 30.77 18.61 5.01
CA VAL B 18 30.14 19.14 3.80
C VAL B 18 28.69 18.65 3.71
N TYR B 19 28.47 17.36 3.95
CA TYR B 19 27.12 16.80 4.00
C TYR B 19 26.29 17.49 5.09
N GLU B 20 26.85 17.67 6.27
CA GLU B 20 26.11 18.31 7.36
C GLU B 20 25.66 19.72 6.98
N PHE B 21 26.48 20.44 6.21
CA PHE B 21 26.10 21.79 5.78
C PHE B 21 24.74 21.80 5.05
N ILE B 22 24.55 20.83 4.16
CA ILE B 22 23.33 20.83 3.35
C ILE B 22 22.18 20.05 4.01
N PHE B 23 22.49 19.02 4.80
CA PHE B 23 21.45 18.20 5.42
C PHE B 23 20.89 18.83 6.69
N GLY B 24 21.76 19.51 7.44
CA GLY B 24 21.39 20.14 8.69
C GLY B 24 22.27 19.66 9.83
N GLU B 25 22.42 20.50 10.84
CA GLU B 25 23.27 20.19 11.99
C GLU B 25 22.95 18.80 12.57
N ASN B 26 23.99 17.99 12.73
CA ASN B 26 23.93 16.64 13.33
C ASN B 26 23.35 15.57 12.38
N TYR B 27 23.12 15.92 11.11
CA TYR B 27 22.54 14.96 10.19
C TYR B 27 23.40 14.71 8.96
N ILE B 28 23.32 13.49 8.42
CA ILE B 28 24.01 13.12 7.18
C ILE B 28 23.01 12.52 6.21
N SER B 29 21.74 12.83 6.37
CA SER B 29 20.75 12.37 5.39
C SER B 29 19.62 13.38 5.19
N SER B 30 18.89 13.21 4.11
CA SER B 30 17.98 14.25 3.65
C SER B 30 16.84 14.55 4.62
N GLY B 31 16.47 15.82 4.64
CA GLY B 31 15.39 16.31 5.47
C GLY B 31 15.82 16.68 6.88
N GLY B 32 16.98 16.17 7.29
CA GLY B 32 17.52 16.45 8.62
C GLY B 32 16.48 16.29 9.72
N LEU B 33 16.42 17.28 10.61
CA LEU B 33 15.53 17.23 11.77
C LEU B 33 14.06 17.18 11.36
N GLU B 34 13.69 17.97 10.35
CA GLU B 34 12.28 18.05 10.00
C GLU B 34 11.73 16.72 9.47
N ALA B 35 12.53 16.00 8.69
CA ALA B 35 12.09 14.70 8.19
C ALA B 35 12.04 13.67 9.32
N THR B 36 13.01 13.75 10.21
CA THR B 36 13.05 12.87 11.37
C THR B 36 11.79 13.04 12.22
N LYS B 37 11.34 14.28 12.41
CA LYS B 37 10.10 14.51 13.14
C LYS B 37 8.94 13.80 12.46
N LYS B 38 8.88 13.87 11.13
CA LYS B 38 7.77 13.24 10.42
C LYS B 38 7.84 11.72 10.49
N ILE B 39 9.04 11.18 10.33
CA ILE B 39 9.26 9.73 10.34
C ILE B 39 8.88 9.12 11.68
N LEU B 40 9.06 9.88 12.75
CA LEU B 40 8.72 9.39 14.10
C LEU B 40 7.36 9.83 14.62
N SER B 41 6.55 10.48 13.78
CA SER B 41 5.30 11.09 14.24
C SER B 41 4.29 10.08 14.80
N ASP B 42 4.34 8.83 14.33
CA ASP B 42 3.40 7.83 14.83
C ASP B 42 4.06 6.78 15.73
N ILE B 43 5.27 7.06 16.20
CA ILE B 43 5.98 6.16 17.09
C ILE B 43 5.77 6.53 18.54
N GLU B 44 5.42 5.55 19.37
CA GLU B 44 5.22 5.77 20.79
C GLU B 44 6.32 5.07 21.59
N LEU B 45 7.01 5.86 22.42
CA LEU B 45 8.10 5.37 23.26
C LEU B 45 8.05 6.18 24.55
N ASN B 46 8.76 5.75 25.58
CA ASN B 46 8.86 6.58 26.77
C ASN B 46 10.21 6.39 27.44
N GLU B 47 10.35 6.90 28.66
CA GLU B 47 11.64 6.95 29.34
C GLU B 47 12.20 5.55 29.64
N ASN B 48 11.34 4.53 29.62
CA ASN B 48 11.79 3.15 29.86
C ASN B 48 12.08 2.36 28.57
N SER B 49 11.87 2.99 27.42
CA SER B 49 12.12 2.32 26.14
C SER B 49 13.62 2.20 25.84
N LYS B 50 13.97 1.14 25.13
CA LYS B 50 15.34 0.98 24.62
C LYS B 50 15.34 1.00 23.12
N VAL B 51 16.18 1.86 22.55
CA VAL B 51 16.23 2.08 21.11
C VAL B 51 17.63 1.80 20.56
N LEU B 52 17.68 1.13 19.41
CA LEU B 52 18.93 0.91 18.67
C LEU B 52 18.88 1.74 17.39
N ASP B 53 19.93 2.53 17.13
CA ASP B 53 20.05 3.30 15.88
C ASP B 53 21.21 2.71 15.07
N ILE B 54 20.89 2.07 13.96
CA ILE B 54 21.88 1.41 13.14
C ILE B 54 22.44 2.39 12.12
N GLY B 55 23.72 2.72 12.26
CA GLY B 55 24.35 3.71 11.40
C GLY B 55 24.01 5.10 11.89
N SER B 56 24.34 5.38 13.15
CA SER B 56 23.88 6.58 13.85
C SER B 56 24.54 7.90 13.42
N GLY B 57 25.62 7.83 12.65
CA GLY B 57 26.22 9.04 12.10
C GLY B 57 26.62 10.08 13.14
N LEU B 58 26.21 11.33 12.92
CA LEU B 58 26.55 12.41 13.84
C LEU B 58 25.64 12.44 15.04
N GLY B 59 24.61 11.59 15.04
CA GLY B 59 23.82 11.38 16.24
C GLY B 59 22.52 12.16 16.34
N GLY B 60 22.18 12.93 15.31
CA GLY B 60 20.97 13.73 15.33
C GLY B 60 19.71 12.94 15.67
N GLY B 61 19.60 11.74 15.09
CA GLY B 61 18.44 10.89 15.32
C GLY B 61 18.31 10.47 16.77
N CYS B 62 19.42 10.04 17.38
CA CYS B 62 19.41 9.63 18.79
C CYS B 62 19.10 10.81 19.69
N MET B 63 19.67 11.96 19.36
CA MET B 63 19.42 13.19 20.11
C MET B 63 17.93 13.49 20.14
N TYR B 64 17.30 13.40 18.98
CA TYR B 64 15.88 13.72 18.89
C TYR B 64 15.03 12.68 19.61
N ILE B 65 15.31 11.41 19.40
CA ILE B 65 14.55 10.34 20.04
C ILE B 65 14.64 10.48 21.56
N ASN B 66 15.83 10.78 22.08
CA ASN B 66 15.96 10.97 23.51
C ASN B 66 15.27 12.25 24.00
N GLU B 67 15.31 13.32 23.21
CA GLU B 67 14.62 14.54 23.61
C GLU B 67 13.09 14.37 23.61
N LYS B 68 12.56 13.76 22.56
CA LYS B 68 11.11 13.63 22.42
C LYS B 68 10.52 12.66 23.44
N TYR B 69 11.18 11.52 23.65
CA TYR B 69 10.59 10.43 24.44
C TYR B 69 11.28 10.17 25.77
N GLY B 70 12.51 10.63 25.89
CA GLY B 70 13.32 10.33 27.07
C GLY B 70 13.87 8.92 27.04
N ALA B 71 13.81 8.27 25.88
CA ALA B 71 14.21 6.87 25.75
C ALA B 71 15.72 6.65 25.85
N HIS B 72 16.12 5.45 26.26
CA HIS B 72 17.52 5.02 26.16
C HIS B 72 17.87 4.83 24.69
N THR B 73 18.91 5.50 24.20
CA THR B 73 19.26 5.32 22.79
C THR B 73 20.70 4.86 22.66
N HIS B 74 20.91 3.85 21.83
CA HIS B 74 22.22 3.29 21.58
C HIS B 74 22.49 3.34 20.09
N GLY B 75 23.50 4.11 19.67
CA GLY B 75 23.81 4.21 18.26
C GLY B 75 25.05 3.43 17.90
N ILE B 76 25.01 2.70 16.81
CA ILE B 76 26.17 1.96 16.32
C ILE B 76 26.57 2.52 14.96
N ASP B 77 27.86 2.83 14.80
CA ASP B 77 28.35 3.31 13.51
C ASP B 77 29.74 2.74 13.26
N ILE B 78 30.03 2.37 12.01
CA ILE B 78 31.30 1.68 11.75
C ILE B 78 32.46 2.66 11.64
N CYS B 79 32.18 3.92 11.33
CA CYS B 79 33.23 4.91 11.14
C CYS B 79 33.65 5.56 12.45
N SER B 80 34.85 5.23 12.92
CA SER B 80 35.34 5.71 14.21
C SER B 80 35.43 7.23 14.26
N ASN B 81 35.81 7.84 13.15
CA ASN B 81 35.91 9.30 13.11
C ASN B 81 34.57 10.00 13.23
N ILE B 82 33.51 9.38 12.69
CA ILE B 82 32.18 9.95 12.82
C ILE B 82 31.66 9.75 14.24
N VAL B 83 31.93 8.58 14.84
CA VAL B 83 31.52 8.36 16.23
C VAL B 83 32.20 9.38 17.14
N ASN B 84 33.48 9.65 16.91
CA ASN B 84 34.19 10.69 17.66
C ASN B 84 33.48 12.05 17.53
N MET B 85 33.04 12.39 16.33
CA MET B 85 32.32 13.63 16.11
C MET B 85 31.00 13.63 16.88
N ALA B 86 30.27 12.51 16.83
CA ALA B 86 28.99 12.42 17.54
C ALA B 86 29.17 12.61 19.04
N ASN B 87 30.22 12.01 19.59
CA ASN B 87 30.47 12.10 21.03
C ASN B 87 30.80 13.52 21.52
N GLU B 88 31.26 14.38 20.61
CA GLU B 88 31.56 15.77 21.00
C GLU B 88 30.32 16.64 20.98
N ARG B 89 29.19 16.08 20.57
CA ARG B 89 27.95 16.84 20.48
C ARG B 89 26.98 16.47 21.56
N VAL B 90 27.32 15.45 22.33
CA VAL B 90 26.51 15.00 23.44
C VAL B 90 27.41 14.83 24.66
N SER B 91 27.05 15.48 25.76
CA SER B 91 27.77 15.27 27.00
C SER B 91 26.78 15.21 28.14
N GLY B 92 27.15 14.45 29.18
CA GLY B 92 26.37 14.40 30.40
C GLY B 92 25.03 13.71 30.30
N ASN B 93 24.81 13.00 29.20
CA ASN B 93 23.55 12.30 28.99
C ASN B 93 23.75 10.80 29.00
N ASN B 94 23.43 10.14 30.11
CA ASN B 94 23.72 8.72 30.20
C ASN B 94 22.71 7.85 29.48
N LYS B 95 21.78 8.47 28.75
CA LYS B 95 20.81 7.71 27.97
C LYS B 95 21.06 7.82 26.47
N ILE B 96 22.17 8.45 26.10
CA ILE B 96 22.62 8.43 24.72
C ILE B 96 24.03 7.83 24.68
N ILE B 97 24.17 6.73 23.97
CA ILE B 97 25.45 6.05 23.81
C ILE B 97 25.78 5.86 22.33
N PHE B 98 26.98 6.28 21.93
CA PHE B 98 27.45 6.03 20.57
C PHE B 98 28.64 5.08 20.62
N GLU B 99 28.62 4.07 19.76
CA GLU B 99 29.66 3.07 19.76
C GLU B 99 30.16 2.81 18.35
N ALA B 100 31.49 2.77 18.20
CA ALA B 100 32.09 2.45 16.92
C ALA B 100 32.20 0.94 16.76
N ASN B 101 31.47 0.40 15.78
CA ASN B 101 31.44 -1.03 15.53
C ASN B 101 30.72 -1.32 14.23
N ASP B 102 31.06 -2.46 13.62
CA ASP B 102 30.29 -3.00 12.50
C ASP B 102 29.03 -3.63 13.05
N ILE B 103 27.86 -3.16 12.60
CA ILE B 103 26.61 -3.73 13.10
C ILE B 103 26.51 -5.24 12.83
N LEU B 104 27.22 -5.73 11.82
CA LEU B 104 27.17 -7.15 11.45
C LEU B 104 27.90 -8.08 12.41
N THR B 105 28.81 -7.53 13.21
CA THR B 105 29.53 -8.35 14.19
C THR B 105 29.10 -8.02 15.61
N LYS B 106 28.23 -7.03 15.76
CA LYS B 106 27.78 -6.63 17.10
C LYS B 106 26.86 -7.70 17.69
N GLU B 107 26.99 -7.94 18.99
CA GLU B 107 26.08 -8.85 19.65
C GLU B 107 25.20 -8.09 20.62
N PHE B 108 23.91 -8.43 20.60
CA PHE B 108 22.93 -7.91 21.54
C PHE B 108 22.08 -9.06 22.06
N PRO B 109 21.50 -8.90 23.26
CA PRO B 109 20.59 -9.95 23.72
C PRO B 109 19.34 -10.07 22.84
N GLU B 110 18.78 -11.27 22.80
CA GLU B 110 17.48 -11.48 22.16
C GLU B 110 16.42 -10.68 22.93
N ASN B 111 15.41 -10.18 22.22
CA ASN B 111 14.26 -9.50 22.84
C ASN B 111 14.69 -8.29 23.67
N ASN B 112 15.52 -7.42 23.09
CA ASN B 112 16.16 -6.36 23.85
C ASN B 112 15.56 -4.97 23.60
N PHE B 113 15.18 -4.70 22.36
CA PHE B 113 14.86 -3.33 21.94
C PHE B 113 13.38 -3.10 21.65
N ASP B 114 12.89 -1.94 22.07
CA ASP B 114 11.54 -1.52 21.71
C ASP B 114 11.44 -0.96 20.29
N LEU B 115 12.53 -0.35 19.82
CA LEU B 115 12.59 0.20 18.47
C LEU B 115 13.98 -0.04 17.93
N ILE B 116 14.05 -0.56 16.70
CA ILE B 116 15.29 -0.57 15.95
C ILE B 116 15.06 0.38 14.78
N TYR B 117 15.96 1.35 14.66
CA TYR B 117 15.79 2.52 13.81
C TYR B 117 17.01 2.66 12.91
N SER B 118 16.81 2.91 11.62
CA SER B 118 17.97 3.12 10.75
C SER B 118 17.59 4.04 9.61
N ARG B 119 18.42 5.05 9.38
CA ARG B 119 18.17 6.02 8.32
C ARG B 119 19.39 6.08 7.42
N ALA B 120 19.20 5.73 6.15
CA ALA B 120 20.23 5.96 5.14
C ALA B 120 21.55 5.26 5.41
N ALA B 121 21.50 4.04 5.96
CA ALA B 121 22.74 3.32 6.28
C ALA B 121 22.82 1.93 5.64
N ILE B 122 21.69 1.25 5.47
CA ILE B 122 21.74 -0.15 5.08
C ILE B 122 22.07 -0.31 3.58
N LEU B 123 21.94 0.77 2.82
CA LEU B 123 22.41 0.84 1.42
C LEU B 123 23.89 0.48 1.27
N HIS B 124 24.67 0.62 2.34
CA HIS B 124 26.09 0.28 2.29
C HIS B 124 26.34 -1.24 2.35
N LEU B 125 25.35 -2.01 2.80
CA LEU B 125 25.52 -3.44 2.96
C LEU B 125 25.23 -4.23 1.69
N SER B 126 26.02 -5.27 1.45
CA SER B 126 25.74 -6.20 0.35
C SER B 126 24.36 -6.84 0.57
N LEU B 127 23.78 -7.40 -0.48
CA LEU B 127 22.51 -8.09 -0.36
C LEU B 127 22.56 -9.19 0.69
N GLU B 128 23.61 -10.02 0.62
CA GLU B 128 23.80 -11.08 1.62
C GLU B 128 23.77 -10.52 3.05
N ASN B 129 24.45 -9.40 3.26
CA ASN B 129 24.52 -8.81 4.59
C ASN B 129 23.27 -8.05 5.00
N LYS B 130 22.49 -7.54 4.06
CA LYS B 130 21.21 -6.97 4.39
C LYS B 130 20.33 -8.06 5.02
N ASN B 131 20.15 -9.31 4.28
CA ASN B 131 19.51 -10.48 4.90
C ASN B 131 20.08 -10.79 6.34
N LYS B 132 21.36 -10.83 6.43
CA LYS B 132 21.90 -11.21 7.71
C LYS B 132 21.53 -10.21 8.78
N LEU B 133 21.59 -8.92 8.45
CA LEU B 133 21.25 -7.87 9.40
C LEU B 133 19.80 -7.98 9.87
N PHE B 134 18.88 -8.16 8.94
CA PHE B 134 17.47 -8.16 9.34
C PHE B 134 17.11 -9.41 10.15
N GLN B 135 17.83 -10.51 9.92
CA GLN B 135 17.71 -11.65 10.81
C GLN B 135 18.13 -11.33 12.24
N LYS B 136 19.23 -10.59 12.38
CA LYS B 136 19.69 -10.17 13.70
C LYS B 136 18.69 -9.20 14.34
N CYS B 137 18.17 -8.26 13.56
CA CYS B 137 17.20 -7.30 14.06
C CYS B 137 15.96 -8.01 14.59
N TYR B 138 15.51 -9.02 13.87
CA TYR B 138 14.36 -9.77 14.33
C TYR B 138 14.60 -10.36 15.72
N LYS B 139 15.76 -10.99 15.91
CA LYS B 139 16.13 -11.53 17.22
C LYS B 139 16.19 -10.45 18.30
N TRP B 140 16.79 -9.31 17.96
CA TRP B 140 17.08 -8.25 18.93
C TRP B 140 15.85 -7.47 19.38
N LEU B 141 14.80 -7.45 18.55
CA LEU B 141 13.57 -6.78 18.90
C LEU B 141 12.82 -7.49 20.04
N LYS B 142 12.23 -6.71 20.94
CA LYS B 142 11.26 -7.27 21.88
C LYS B 142 10.06 -7.78 21.11
N PRO B 143 9.32 -8.73 21.70
CA PRO B 143 8.09 -9.21 21.03
C PRO B 143 7.15 -8.08 20.64
N THR B 144 7.13 -7.04 21.47
CA THR B 144 6.31 -5.85 21.24
C THR B 144 6.98 -4.75 20.42
N GLY B 145 8.18 -5.01 19.92
CA GLY B 145 8.98 -3.96 19.28
C GLY B 145 8.67 -3.68 17.83
N THR B 146 9.24 -2.57 17.36
CA THR B 146 9.04 -2.08 16.00
C THR B 146 10.38 -1.88 15.29
N LEU B 147 10.40 -2.18 14.00
CA LEU B 147 11.53 -1.88 13.12
C LEU B 147 11.14 -0.70 12.23
N LEU B 148 12.00 0.31 12.12
CA LEU B 148 11.69 1.51 11.34
C LEU B 148 12.92 1.93 10.55
N ILE B 149 12.80 1.92 9.22
CA ILE B 149 13.94 2.09 8.32
C ILE B 149 13.63 3.06 7.22
N THR B 150 14.55 3.97 6.91
CA THR B 150 14.50 4.61 5.59
C THR B 150 15.82 4.29 4.89
N ASP B 151 15.78 4.18 3.57
CA ASP B 151 16.98 3.76 2.83
C ASP B 151 16.89 4.18 1.39
N TYR B 152 18.05 4.33 0.73
CA TYR B 152 18.06 4.45 -0.72
C TYR B 152 17.67 3.12 -1.34
N CYS B 153 16.79 3.20 -2.34
CA CYS B 153 16.43 2.04 -3.15
C CYS B 153 16.55 2.44 -4.61
N ALA B 154 16.13 1.56 -5.51
CA ALA B 154 16.24 1.88 -6.92
C ALA B 154 15.24 1.11 -7.75
N THR B 155 15.06 1.55 -8.99
CA THR B 155 14.35 0.76 -9.97
C THR B 155 15.14 -0.53 -10.26
N GLU B 156 14.53 -1.47 -10.97
CA GLU B 156 15.23 -2.69 -11.37
C GLU B 156 16.51 -2.36 -12.13
N LYS B 157 17.54 -3.17 -11.94
CA LYS B 157 18.85 -2.90 -12.51
C LYS B 157 18.83 -2.77 -14.04
N GLU B 158 17.94 -3.52 -14.68
CA GLU B 158 17.79 -3.51 -16.13
C GLU B 158 17.52 -2.09 -16.66
N ASN B 159 16.97 -1.24 -15.80
CA ASN B 159 16.56 0.13 -16.16
C ASN B 159 17.60 1.22 -15.86
N TRP B 160 18.71 0.85 -15.22
CA TRP B 160 19.69 1.86 -14.84
C TRP B 160 20.40 2.44 -16.05
N ASP B 161 20.69 3.75 -16.03
CA ASP B 161 21.45 4.32 -17.12
C ASP B 161 22.93 4.43 -16.74
N ASP B 162 23.76 4.87 -17.69
CA ASP B 162 25.20 4.84 -17.48
C ASP B 162 25.64 5.66 -16.27
N GLU B 163 25.09 6.86 -16.11
CA GLU B 163 25.50 7.73 -15.01
C GLU B 163 25.10 7.13 -13.65
N PHE B 164 23.92 6.52 -13.60
CA PHE B 164 23.47 5.94 -12.33
C PHE B 164 24.29 4.70 -12.01
N LYS B 165 24.59 3.88 -13.01
CA LYS B 165 25.44 2.70 -12.80
C LYS B 165 26.77 3.11 -12.22
N GLU B 166 27.32 4.20 -12.75
CA GLU B 166 28.62 4.68 -12.31
C GLU B 166 28.55 5.21 -10.88
N TYR B 167 27.48 5.92 -10.56
CA TYR B 167 27.28 6.43 -9.21
C TYR B 167 27.21 5.30 -8.19
N VAL B 168 26.39 4.30 -8.48
CA VAL B 168 26.25 3.17 -7.56
C VAL B 168 27.57 2.41 -7.40
N LYS B 169 28.28 2.22 -8.50
CA LYS B 169 29.57 1.52 -8.46
C LYS B 169 30.62 2.27 -7.63
N GLN B 170 30.76 3.56 -7.85
CA GLN B 170 31.78 4.32 -7.11
C GLN B 170 31.44 4.46 -5.64
N ARG B 171 30.15 4.52 -5.31
CA ARG B 171 29.70 4.60 -3.92
C ARG B 171 29.81 3.24 -3.21
N LYS B 172 29.86 2.18 -4.01
CA LYS B 172 29.80 0.78 -3.54
C LYS B 172 28.49 0.48 -2.80
N TYR B 173 27.43 1.17 -3.21
CA TYR B 173 26.10 0.87 -2.70
C TYR B 173 25.56 -0.45 -3.25
N THR B 174 24.67 -1.08 -2.48
CA THR B 174 23.83 -2.13 -3.02
C THR B 174 22.39 -1.64 -2.97
N LEU B 175 21.85 -1.23 -4.12
CA LEU B 175 20.50 -0.69 -4.13
C LEU B 175 19.53 -1.68 -4.74
N ILE B 176 18.53 -2.07 -3.96
CA ILE B 176 17.52 -3.00 -4.42
C ILE B 176 16.19 -2.28 -4.55
N THR B 177 15.17 -2.96 -5.07
CA THR B 177 13.88 -2.30 -5.22
C THR B 177 13.15 -2.25 -3.90
N VAL B 178 12.20 -1.34 -3.78
CA VAL B 178 11.39 -1.25 -2.56
CA VAL B 178 11.45 -1.28 -2.52
C VAL B 178 10.69 -2.59 -2.31
N GLU B 179 10.23 -3.22 -3.39
CA GLU B 179 9.54 -4.50 -3.32
C GLU B 179 10.46 -5.63 -2.81
N GLU B 180 11.69 -5.69 -3.31
CA GLU B 180 12.65 -6.69 -2.85
C GLU B 180 12.97 -6.51 -1.37
N TYR B 181 13.08 -5.25 -0.96
CA TYR B 181 13.33 -4.90 0.42
C TYR B 181 12.23 -5.42 1.35
N ALA B 182 10.98 -5.14 0.97
CA ALA B 182 9.84 -5.62 1.73
C ALA B 182 9.83 -7.13 1.82
N ASP B 183 10.22 -7.80 0.74
CA ASP B 183 10.23 -9.25 0.72
C ASP B 183 11.28 -9.81 1.69
N ILE B 184 12.39 -9.10 1.85
CA ILE B 184 13.41 -9.54 2.80
C ILE B 184 12.82 -9.51 4.20
N LEU B 185 12.13 -8.42 4.54
CA LEU B 185 11.57 -8.30 5.89
C LEU B 185 10.55 -9.41 6.15
N THR B 186 9.70 -9.68 5.17
CA THR B 186 8.73 -10.76 5.32
C THR B 186 9.43 -12.12 5.46
N ALA B 187 10.52 -12.33 4.71
CA ALA B 187 11.26 -13.58 4.79
C ALA B 187 11.89 -13.77 6.16
N CYS B 188 12.24 -12.67 6.80
CA CYS B 188 12.82 -12.71 8.15
C CYS B 188 11.73 -12.86 9.20
N ASN B 189 10.48 -12.97 8.72
CA ASN B 189 9.28 -13.19 9.54
C ASN B 189 8.85 -12.03 10.39
N PHE B 190 9.20 -10.82 9.93
CA PHE B 190 8.55 -9.63 10.47
C PHE B 190 7.06 -9.61 10.09
N LYS B 191 6.24 -9.00 10.94
CA LYS B 191 4.79 -8.90 10.72
C LYS B 191 4.39 -7.46 10.39
N ASN B 192 3.20 -7.31 9.82
CA ASN B 192 2.65 -5.99 9.52
C ASN B 192 3.63 -5.12 8.75
N VAL B 193 4.25 -5.72 7.73
CA VAL B 193 5.27 -5.01 6.95
C VAL B 193 4.62 -3.95 6.09
N VAL B 194 5.04 -2.71 6.31
CA VAL B 194 4.55 -1.58 5.52
C VAL B 194 5.74 -0.99 4.79
N SER B 195 5.63 -0.85 3.48
CA SER B 195 6.68 -0.20 2.72
CA SER B 195 6.68 -0.20 2.71
C SER B 195 6.07 0.96 1.97
N LYS B 196 6.76 2.10 1.97
CA LYS B 196 6.26 3.27 1.26
C LYS B 196 7.35 3.76 0.32
N ASP B 197 7.03 3.90 -0.95
CA ASP B 197 7.94 4.58 -1.88
C ASP B 197 7.74 6.06 -1.68
N LEU B 198 8.68 6.70 -0.99
CA LEU B 198 8.55 8.12 -0.68
C LEU B 198 9.44 8.98 -1.57
N SER B 199 9.69 8.51 -2.79
CA SER B 199 10.56 9.26 -3.70
C SER B 199 10.07 10.68 -4.01
N ASP B 200 8.75 10.88 -4.09
CA ASP B 200 8.19 12.22 -4.32
C ASP B 200 8.50 13.15 -3.15
N TYR B 201 8.32 12.65 -1.94
CA TYR B 201 8.67 13.41 -0.74
C TYR B 201 10.15 13.74 -0.72
N TRP B 202 10.98 12.73 -1.02
CA TRP B 202 12.43 12.91 -1.06
C TRP B 202 12.79 14.00 -2.07
N ASN B 203 12.13 13.96 -3.22
CA ASN B 203 12.37 14.99 -4.25
C ASN B 203 12.10 16.40 -3.70
N GLN B 204 11.05 16.54 -2.90
CA GLN B 204 10.73 17.83 -2.28
C GLN B 204 11.85 18.25 -1.35
N LEU B 205 12.33 17.30 -0.55
CA LEU B 205 13.43 17.58 0.37
C LEU B 205 14.68 17.99 -0.38
N LEU B 206 14.98 17.27 -1.45
CA LEU B 206 16.16 17.56 -2.26
C LEU B 206 16.09 18.96 -2.86
N GLU B 207 14.92 19.37 -3.33
CA GLU B 207 14.79 20.70 -3.93
C GLU B 207 15.03 21.80 -2.87
N VAL B 208 14.55 21.58 -1.66
CA VAL B 208 14.73 22.59 -0.60
C VAL B 208 16.22 22.71 -0.26
N GLU B 209 16.88 21.56 -0.16
CA GLU B 209 18.32 21.48 0.12
C GLU B 209 19.13 22.14 -1.02
N HIS B 210 18.77 21.87 -2.26
CA HIS B 210 19.45 22.46 -3.42
C HIS B 210 19.35 23.99 -3.40
N LYS B 211 18.16 24.50 -3.09
CA LYS B 211 17.94 25.94 -3.02
C LYS B 211 18.76 26.56 -1.90
N TYR B 212 18.79 25.86 -0.76
CA TYR B 212 19.57 26.31 0.39
C TYR B 212 21.05 26.41 0.03
N LEU B 213 21.56 25.41 -0.68
CA LEU B 213 22.96 25.42 -1.09
C LEU B 213 23.28 26.65 -1.95
N HIS B 214 22.43 26.92 -2.93
CA HIS B 214 22.64 28.05 -3.81
C HIS B 214 22.56 29.38 -3.07
N GLU B 215 21.60 29.49 -2.15
CA GLU B 215 21.35 30.75 -1.47
C GLU B 215 22.37 31.01 -0.37
N ASN B 216 23.17 30.01 -0.06
CA ASN B 216 24.18 30.15 0.98
C ASN B 216 25.56 29.79 0.45
N LYS B 217 25.77 30.04 -0.84
CA LYS B 217 27.01 29.68 -1.50
C LYS B 217 28.23 30.39 -0.91
N GLU B 218 28.09 31.67 -0.60
CA GLU B 218 29.21 32.43 -0.08
C GLU B 218 29.68 31.86 1.26
N GLU B 219 28.73 31.49 2.12
CA GLU B 219 29.04 30.88 3.40
C GLU B 219 29.72 29.51 3.21
N PHE B 220 29.22 28.75 2.25
CA PHE B 220 29.81 27.44 1.95
C PHE B 220 31.26 27.61 1.50
N LEU B 221 31.51 28.60 0.64
CA LEU B 221 32.86 28.81 0.11
C LEU B 221 33.85 29.24 1.19
N LYS B 222 33.36 29.93 2.20
CA LYS B 222 34.20 30.33 3.32
C LYS B 222 34.67 29.11 4.11
N LEU B 223 33.79 28.12 4.22
CA LEU B 223 34.04 26.90 4.98
C LEU B 223 34.83 25.87 4.19
N PHE B 224 34.57 25.80 2.89
CA PHE B 224 35.05 24.67 2.12
C PHE B 224 35.78 25.15 0.86
N SER B 225 35.36 24.65 -0.29
CA SER B 225 36.01 25.02 -1.54
C SER B 225 35.03 25.03 -2.68
N GLU B 226 35.40 25.70 -3.78
CA GLU B 226 34.57 25.68 -4.97
C GLU B 226 34.41 24.27 -5.50
N LYS B 227 35.48 23.49 -5.45
CA LYS B 227 35.42 22.11 -5.95
C LYS B 227 34.37 21.30 -5.20
N LYS B 228 34.36 21.43 -3.88
CA LYS B 228 33.38 20.72 -3.06
C LYS B 228 31.95 21.22 -3.28
N PHE B 229 31.81 22.53 -3.55
CA PHE B 229 30.50 23.09 -3.87
C PHE B 229 29.95 22.46 -5.14
N ILE B 230 30.77 22.44 -6.18
CA ILE B 230 30.37 21.87 -7.46
C ILE B 230 29.94 20.41 -7.35
N SER B 231 30.68 19.60 -6.59
CA SER B 231 30.33 18.19 -6.41
C SER B 231 28.99 18.03 -5.70
N LEU B 232 28.76 18.85 -4.68
CA LEU B 232 27.49 18.84 -3.98
C LEU B 232 26.35 19.30 -4.92
N ASP B 233 26.59 20.40 -5.61
CA ASP B 233 25.61 20.98 -6.55
C ASP B 233 25.24 19.95 -7.61
N ASP B 234 26.25 19.35 -8.24
CA ASP B 234 26.01 18.36 -9.28
C ASP B 234 25.38 17.09 -8.74
N GLY B 235 25.76 16.69 -7.53
CA GLY B 235 25.20 15.50 -6.92
C GLY B 235 23.71 15.66 -6.63
N TRP B 236 23.32 16.82 -6.12
CA TRP B 236 21.90 17.06 -5.83
C TRP B 236 21.11 17.21 -7.12
N SER B 237 21.68 17.82 -8.13
CA SER B 237 21.00 17.92 -9.42
CA SER B 237 21.01 17.92 -9.42
C SER B 237 20.67 16.53 -9.97
N ARG B 238 21.62 15.60 -9.88
CA ARG B 238 21.35 14.25 -10.38
C ARG B 238 20.29 13.54 -9.55
N LYS B 239 20.34 13.68 -8.22
CA LYS B 239 19.35 13.02 -7.38
C LYS B 239 17.96 13.58 -7.62
N ILE B 240 17.88 14.87 -7.93
CA ILE B 240 16.59 15.48 -8.21
C ILE B 240 16.01 14.88 -9.50
N LYS B 241 16.85 14.75 -10.51
CA LYS B 241 16.44 14.15 -11.77
C LYS B 241 16.06 12.68 -11.59
N ASP B 242 16.86 11.95 -10.83
CA ASP B 242 16.66 10.50 -10.78
C ASP B 242 15.56 10.08 -9.81
N SER B 243 15.27 10.90 -8.80
CA SER B 243 14.12 10.66 -7.95
C SER B 243 12.81 10.99 -8.67
N LYS B 244 12.83 12.01 -9.53
CA LYS B 244 11.64 12.42 -10.27
C LYS B 244 11.16 11.31 -11.20
N ARG B 245 12.11 10.56 -11.76
CA ARG B 245 11.78 9.46 -12.66
C ARG B 245 11.88 8.08 -12.00
N LYS B 246 12.05 8.08 -10.68
CA LYS B 246 12.01 6.86 -9.88
C LYS B 246 13.15 5.89 -10.23
N MET B 247 14.23 6.41 -10.79
CA MET B 247 15.41 5.57 -10.97
CA MET B 247 15.46 5.65 -10.97
C MET B 247 16.11 5.35 -9.63
N GLN B 248 16.32 6.43 -8.86
CA GLN B 248 16.80 6.34 -7.49
C GLN B 248 15.60 6.62 -6.60
N ARG B 249 15.36 5.75 -5.64
CA ARG B 249 14.16 5.84 -4.82
CA ARG B 249 14.17 5.87 -4.81
C ARG B 249 14.49 5.99 -3.33
N TRP B 250 13.52 6.51 -2.59
CA TRP B 250 13.67 6.71 -1.15
C TRP B 250 12.60 5.84 -0.48
N GLY B 251 13.04 4.78 0.19
CA GLY B 251 12.11 3.81 0.73
C GLY B 251 11.94 3.94 2.22
N TYR B 252 10.70 3.77 2.68
CA TYR B 252 10.35 3.75 4.10
C TYR B 252 9.82 2.37 4.43
N PHE B 253 10.24 1.82 5.57
CA PHE B 253 9.80 0.48 5.96
C PHE B 253 9.50 0.48 7.44
N LYS B 254 8.35 -0.08 7.79
CA LYS B 254 7.99 -0.27 9.20
C LYS B 254 7.44 -1.68 9.37
N ALA B 255 7.85 -2.36 10.44
CA ALA B 255 7.34 -3.69 10.70
C ALA B 255 7.41 -4.01 12.18
N THR B 256 6.76 -5.10 12.58
CA THR B 256 6.77 -5.48 13.98
C THR B 256 7.24 -6.92 14.11
N LYS B 257 7.67 -7.30 15.32
CA LYS B 257 8.09 -8.67 15.53
C LYS B 257 6.89 -9.60 15.65
N ASN B 258 5.79 -9.10 16.22
CA ASN B 258 4.56 -9.87 16.35
C ASN B 258 3.33 -9.06 15.97
P1 PC C . -10.29 -8.27 -11.09
O1 PC C . -9.67 -6.90 -10.93
O3 PC C . -9.83 -9.05 -12.28
O4 PC C . -10.18 -9.03 -9.81
O2 PC C . -11.84 -7.96 -11.24
C1 PC C . -12.78 -9.02 -11.22
C2 PC C . -14.24 -8.55 -11.31
N1 PC C . -14.78 -7.78 -10.16
C3 PC C . -14.59 -8.62 -8.91
C4 PC C . -16.14 -7.44 -10.48
C5 PC C . -14.13 -6.55 -9.97
N SAH D . -22.59 -7.96 -8.52
CA SAH D . -22.29 -8.93 -9.61
CB SAH D . -21.50 -8.22 -10.77
CG SAH D . -20.13 -7.70 -10.36
SD SAH D . -19.18 -6.99 -11.75
C SAH D . -21.60 -10.11 -9.07
O SAH D . -21.12 -10.06 -7.94
OXT SAH D . -21.42 -11.08 -9.77
C5' SAH D . -19.34 -5.20 -11.61
C4' SAH D . -20.51 -4.65 -12.20
O4' SAH D . -20.64 -3.26 -11.80
C3' SAH D . -20.29 -4.64 -13.67
O3' SAH D . -21.23 -5.49 -14.28
C2' SAH D . -20.43 -3.22 -14.06
O2' SAH D . -21.12 -3.10 -15.29
C1' SAH D . -21.17 -2.61 -12.91
N9 SAH D . -21.02 -1.11 -12.84
C8 SAH D . -19.90 -0.40 -12.83
N7 SAH D . -20.21 0.90 -12.74
C5 SAH D . -21.55 1.02 -12.71
C6 SAH D . -22.42 2.12 -12.62
N6 SAH D . -21.95 3.41 -12.61
N1 SAH D . -23.74 1.87 -12.61
C2 SAH D . -24.22 0.61 -12.66
N3 SAH D . -23.40 -0.47 -12.74
C4 SAH D . -22.07 -0.27 -12.76
P1 PC E . 24.88 10.58 -1.52
O1 PC E . 25.16 9.34 -2.33
O3 PC E . 25.86 11.68 -1.76
O4 PC E . 23.44 11.03 -1.69
O2 PC E . 25.01 10.06 -0.03
C1 PC E . 24.62 10.89 1.05
C2 PC E . 24.71 10.24 2.44
N1 PC E . 23.72 9.18 2.75
C3 PC E . 22.34 9.75 2.51
C4 PC E . 24.01 8.71 4.08
C5 PC E . 23.86 8.05 1.94
N SAH F . 21.55 7.78 10.19
CA SAH F . 22.34 9.03 10.23
CB SAH F . 23.70 8.77 9.49
CG SAH F . 23.54 8.41 8.01
SD SAH F . 25.11 8.11 7.13
C SAH F . 21.58 10.16 9.66
O SAH F . 20.57 9.94 9.01
OXT SAH F . 22.04 11.27 9.70
C5' SAH F . 25.39 6.34 7.12
C4' SAH F . 26.03 5.81 8.28
O4' SAH F . 25.98 4.37 8.17
C3' SAH F . 27.47 6.16 8.21
O3' SAH F . 27.79 7.01 9.29
C2' SAH F . 28.17 4.88 8.21
O2' SAH F . 29.35 4.90 8.99
C1' SAH F . 27.17 3.89 8.71
N9 SAH F . 27.48 2.46 8.34
C8 SAH F . 27.72 1.96 7.12
N7 SAH F . 27.94 0.65 7.24
C5 SAH F . 27.81 0.31 8.53
C6 SAH F . 27.93 -0.92 9.22
N6 SAH F . 28.27 -2.08 8.57
N1 SAH F . 27.74 -0.91 10.54
C2 SAH F . 27.45 0.21 11.19
N3 SAH F . 27.34 1.42 10.57
C4 SAH F . 27.51 1.48 9.24
#